data_5GMS
#
_entry.id   5GMS
#
_cell.length_a   90.108
_cell.length_b   144.845
_cell.length_c   96.067
_cell.angle_alpha   90.00
_cell.angle_beta   90.00
_cell.angle_gamma   90.00
#
_symmetry.space_group_name_H-M   'C 2 2 21'
#
loop_
_entity.id
_entity.type
_entity.pdbx_description
1 polymer Esterase
2 water water
#
_entity_poly.entity_id   1
_entity_poly.type   'polypeptide(L)'
_entity_poly.pdbx_seq_one_letter_code
;HHHHHHSSGLVPRGSHMAKSPELDRVIGMIRERAATPRKTTDDDRRLYETMLGSMPLDDDIQTERLGVNGVPAEWIYAPG
ARDDQVFLYLHGGGYVIGSMRTHRVMLSHIARAAGCRVLGLDYRLAPETPFPAPVEDTVAAYRWLLAHGYDPSRIALGGD
SAGGGLVVAALVALRYIGEPLPAAGVCLSPWIDMEATGESFTTNATMDPSVNKERVMWFAALYLGGKNPQAPLASPLYAD
LQGLPPLLVQVGGIETLLDDARALTTRAKAAGVDADLEVWDDMPHVWQHFAPILPEGKQAIARIGEFLRKQIG
;
_entity_poly.pdbx_strand_id   A,B
#
# COMPACT_ATOMS: atom_id res chain seq x y z
N MET A 17 32.13 -7.16 -1.50
CA MET A 17 32.74 -7.38 -0.19
C MET A 17 33.75 -8.52 -0.23
N ALA A 18 33.35 -9.65 -0.81
CA ALA A 18 34.25 -10.79 -0.98
C ALA A 18 34.58 -10.99 -2.45
N LYS A 19 35.38 -12.00 -2.76
CA LYS A 19 35.87 -12.19 -4.12
C LYS A 19 35.10 -13.21 -4.95
N SER A 20 34.02 -12.73 -5.55
CA SER A 20 33.39 -13.38 -6.69
C SER A 20 32.69 -12.26 -7.43
N PRO A 21 32.86 -12.18 -8.75
CA PRO A 21 32.23 -11.10 -9.49
C PRO A 21 30.74 -11.01 -9.19
N GLU A 22 30.12 -12.16 -8.94
CA GLU A 22 28.70 -12.20 -8.62
C GLU A 22 28.41 -11.40 -7.35
N LEU A 23 29.17 -11.69 -6.29
CA LEU A 23 28.99 -10.99 -5.02
C LEU A 23 29.32 -9.51 -5.16
N ASP A 24 30.40 -9.19 -5.88
CA ASP A 24 30.76 -7.80 -6.14
C ASP A 24 29.60 -7.03 -6.76
N ARG A 25 28.96 -7.63 -7.73
CA ARG A 25 27.87 -6.95 -8.39
C ARG A 25 26.73 -6.69 -7.39
N VAL A 26 26.48 -7.64 -6.52
CA VAL A 26 25.40 -7.53 -5.54
C VAL A 26 25.72 -6.47 -4.50
N ILE A 27 26.90 -6.56 -3.92
CA ILE A 27 27.34 -5.57 -2.94
C ILE A 27 27.28 -4.19 -3.59
N GLY A 28 27.47 -4.16 -4.91
CA GLY A 28 27.41 -2.92 -5.66
C GLY A 28 26.01 -2.33 -5.78
N MET A 29 25.06 -3.16 -6.16
CA MET A 29 23.66 -2.76 -6.21
C MET A 29 23.24 -2.22 -4.85
N ILE A 30 23.72 -2.86 -3.79
CA ILE A 30 23.35 -2.50 -2.43
C ILE A 30 23.92 -1.13 -2.08
N ARG A 31 25.24 -0.99 -2.19
CA ARG A 31 25.90 0.28 -1.89
C ARG A 31 25.38 1.44 -2.75
N GLU A 32 24.80 1.12 -3.90
CA GLU A 32 24.21 2.15 -4.72
C GLU A 32 22.93 2.68 -4.12
N ARG A 33 21.95 1.81 -3.93
CA ARG A 33 20.69 2.24 -3.34
C ARG A 33 20.94 3.03 -2.07
N ALA A 34 21.89 2.56 -1.25
CA ALA A 34 22.20 3.18 0.04
C ALA A 34 22.67 4.62 -0.10
N ALA A 35 23.09 4.98 -1.31
CA ALA A 35 23.61 6.32 -1.56
C ALA A 35 22.74 7.12 -2.52
N THR A 36 21.56 6.61 -2.85
CA THR A 36 20.60 7.33 -3.67
C THR A 36 19.86 8.36 -2.83
N PRO A 37 19.71 9.59 -3.35
CA PRO A 37 19.03 10.65 -2.60
C PRO A 37 17.54 10.36 -2.38
N ARG A 38 17.08 10.59 -1.16
CA ARG A 38 15.70 10.35 -0.79
C ARG A 38 15.25 11.40 0.22
N LYS A 39 13.95 11.71 0.24
CA LYS A 39 13.43 12.74 1.14
C LYS A 39 12.28 12.22 2.00
N THR A 40 11.50 11.30 1.49
CA THR A 40 10.25 10.93 2.15
C THR A 40 10.16 9.44 2.42
N THR A 41 9.23 9.05 3.29
CA THR A 41 8.97 7.64 3.53
C THR A 41 8.68 6.89 2.22
N ASP A 42 7.83 7.47 1.38
CA ASP A 42 7.50 6.77 0.14
C ASP A 42 8.67 6.71 -0.84
N ASP A 43 9.58 7.70 -0.81
CA ASP A 43 10.82 7.61 -1.58
C ASP A 43 11.58 6.34 -1.18
N ASP A 44 11.68 6.09 0.13
CA ASP A 44 12.42 4.94 0.62
C ASP A 44 11.73 3.66 0.17
N ARG A 45 10.41 3.63 0.24
CA ARG A 45 9.64 2.47 -0.22
C ARG A 45 9.90 2.23 -1.70
N ARG A 46 9.80 3.29 -2.48
CA ARG A 46 9.99 3.19 -3.92
C ARG A 46 11.41 2.75 -4.31
N LEU A 47 12.40 3.28 -3.63
CA LEU A 47 13.78 2.90 -3.92
C LEU A 47 14.00 1.42 -3.71
N TYR A 48 13.45 0.88 -2.63
CA TYR A 48 13.54 -0.54 -2.36
C TYR A 48 12.87 -1.32 -3.48
N GLU A 49 11.74 -0.83 -3.98
CA GLU A 49 11.03 -1.53 -5.03
C GLU A 49 11.87 -1.52 -6.29
N THR A 50 12.54 -0.40 -6.53
CA THR A 50 13.40 -0.28 -7.69
C THR A 50 14.57 -1.26 -7.60
N MET A 51 15.16 -1.36 -6.43
CA MET A 51 16.28 -2.24 -6.26
C MET A 51 15.91 -3.72 -6.33
N LEU A 52 14.82 -4.10 -5.67
CA LEU A 52 14.50 -5.51 -5.44
C LEU A 52 13.35 -6.03 -6.26
N GLY A 53 12.59 -5.13 -6.89
CA GLY A 53 11.38 -5.52 -7.58
C GLY A 53 11.32 -5.16 -9.06
N SER A 54 12.47 -5.02 -9.69
CA SER A 54 12.50 -4.62 -11.10
C SER A 54 12.51 -5.77 -12.09
N MET A 55 12.75 -6.99 -11.62
CA MET A 55 12.79 -8.17 -12.48
C MET A 55 11.44 -8.84 -12.54
N PRO A 56 11.08 -9.42 -13.68
CA PRO A 56 9.73 -9.99 -13.70
C PRO A 56 9.71 -11.35 -13.04
N LEU A 57 8.51 -11.79 -12.70
CA LEU A 57 8.33 -13.16 -12.29
C LEU A 57 8.55 -14.03 -13.50
N ASP A 58 8.96 -15.28 -13.27
CA ASP A 58 8.93 -16.26 -14.34
C ASP A 58 7.50 -16.33 -14.89
N ASP A 59 7.38 -16.69 -16.16
CA ASP A 59 6.09 -16.63 -16.84
C ASP A 59 5.10 -17.68 -16.33
N ASP A 60 5.60 -18.69 -15.63
CA ASP A 60 4.76 -19.79 -15.18
C ASP A 60 4.25 -19.62 -13.74
N ILE A 61 4.58 -18.50 -13.12
CA ILE A 61 4.16 -18.22 -11.75
C ILE A 61 2.77 -17.61 -11.71
N GLN A 62 1.91 -18.21 -10.90
CA GLN A 62 0.57 -17.68 -10.70
C GLN A 62 0.48 -16.87 -9.41
N THR A 63 -0.16 -15.71 -9.48
CA THR A 63 -0.40 -14.91 -8.29
C THR A 63 -1.86 -14.45 -8.22
N GLU A 64 -2.34 -14.16 -7.02
CA GLU A 64 -3.69 -13.65 -6.83
C GLU A 64 -3.70 -12.72 -5.62
N ARG A 65 -4.23 -11.52 -5.82
CA ARG A 65 -4.42 -10.61 -4.69
C ARG A 65 -5.71 -10.94 -3.98
N LEU A 66 -5.66 -11.01 -2.66
CA LEU A 66 -6.88 -11.25 -1.90
C LEU A 66 -6.75 -10.66 -0.51
N GLY A 67 -7.88 -10.54 0.17
CA GLY A 67 -7.87 -10.17 1.58
C GLY A 67 -8.02 -11.40 2.46
N VAL A 68 -7.21 -11.48 3.50
CA VAL A 68 -7.34 -12.57 4.45
C VAL A 68 -7.66 -12.00 5.84
N ASN A 69 -8.92 -12.14 6.25
CA ASN A 69 -9.38 -11.48 7.47
C ASN A 69 -8.98 -9.99 7.50
N GLY A 70 -9.11 -9.34 6.34
CA GLY A 70 -8.86 -7.91 6.27
C GLY A 70 -7.46 -7.53 5.87
N VAL A 71 -6.53 -8.49 5.94
CA VAL A 71 -5.15 -8.20 5.59
C VAL A 71 -4.92 -8.42 4.11
N PRO A 72 -4.40 -7.39 3.42
CA PRO A 72 -4.10 -7.57 1.99
C PRO A 72 -2.98 -8.59 1.79
N ALA A 73 -3.15 -9.51 0.84
CA ALA A 73 -2.23 -10.63 0.72
C ALA A 73 -2.15 -11.11 -0.73
N GLU A 74 -1.23 -12.03 -0.98
CA GLU A 74 -1.00 -12.50 -2.34
C GLU A 74 -0.61 -13.97 -2.34
N TRP A 75 -1.41 -14.79 -3.01
CA TRP A 75 -0.96 -16.15 -3.27
C TRP A 75 0.12 -16.09 -4.36
N ILE A 76 1.17 -16.88 -4.18
CA ILE A 76 2.24 -16.98 -5.17
C ILE A 76 2.60 -18.45 -5.32
N TYR A 77 2.52 -19.00 -6.52
CA TYR A 77 2.88 -20.41 -6.67
C TYR A 77 3.31 -20.79 -8.08
N ALA A 78 4.12 -21.83 -8.14
CA ALA A 78 4.66 -22.34 -9.39
C ALA A 78 3.90 -23.61 -9.78
N PRO A 79 4.06 -24.06 -11.03
CA PRO A 79 3.40 -25.31 -11.43
C PRO A 79 3.79 -26.48 -10.53
N GLY A 80 2.83 -27.36 -10.25
CA GLY A 80 3.10 -28.56 -9.46
C GLY A 80 2.96 -28.38 -7.96
N ALA A 81 2.63 -27.16 -7.53
CA ALA A 81 2.55 -26.85 -6.10
C ALA A 81 1.46 -27.66 -5.39
N ARG A 82 1.74 -28.13 -4.19
CA ARG A 82 0.72 -28.78 -3.37
C ARG A 82 -0.19 -27.69 -2.84
N ASP A 83 -1.47 -27.75 -3.16
CA ASP A 83 -2.37 -26.67 -2.80
C ASP A 83 -2.75 -26.67 -1.32
N ASP A 84 -2.35 -27.73 -0.62
CA ASP A 84 -2.67 -27.84 0.81
C ASP A 84 -1.50 -27.41 1.70
N GLN A 85 -0.38 -27.04 1.09
CA GLN A 85 0.78 -26.63 1.86
C GLN A 85 0.99 -25.13 1.69
N VAL A 86 1.12 -24.42 2.81
CA VAL A 86 1.19 -22.97 2.75
C VAL A 86 2.38 -22.42 3.54
N PHE A 87 3.17 -21.58 2.87
CA PHE A 87 4.24 -20.83 3.51
C PHE A 87 3.71 -19.40 3.66
N LEU A 88 3.33 -19.05 4.89
CA LEU A 88 2.77 -17.73 5.20
C LEU A 88 3.95 -16.83 5.46
N TYR A 89 4.13 -15.84 4.59
CA TYR A 89 5.39 -15.09 4.52
C TYR A 89 5.27 -13.62 4.91
N LEU A 90 6.24 -13.18 5.72
CA LEU A 90 6.26 -11.85 6.31
C LEU A 90 7.51 -11.12 5.83
N HIS A 91 7.32 -10.14 4.96
CA HIS A 91 8.46 -9.50 4.30
C HIS A 91 9.24 -8.61 5.25
N GLY A 92 10.51 -8.37 4.92
CA GLY A 92 11.34 -7.44 5.65
C GLY A 92 11.23 -5.99 5.18
N GLY A 93 12.07 -5.14 5.74
CA GLY A 93 11.96 -3.71 5.51
C GLY A 93 11.81 -2.90 6.79
N GLY A 94 12.25 -3.45 7.92
CA GLY A 94 12.26 -2.70 9.16
C GLY A 94 10.90 -2.29 9.71
N TYR A 95 9.85 -2.97 9.25
CA TYR A 95 8.46 -2.66 9.63
C TYR A 95 7.98 -1.33 9.03
N VAL A 96 8.76 -0.78 8.12
CA VAL A 96 8.44 0.52 7.52
C VAL A 96 8.34 0.48 6.00
N ILE A 97 9.19 -0.33 5.36
CA ILE A 97 9.16 -0.46 3.91
C ILE A 97 9.02 -1.92 3.50
N GLY A 98 9.08 -2.18 2.20
CA GLY A 98 8.89 -3.53 1.69
C GLY A 98 7.43 -3.86 1.43
N SER A 99 7.20 -4.86 0.60
CA SER A 99 5.88 -5.29 0.22
C SER A 99 6.01 -6.48 -0.72
N MET A 100 4.90 -7.00 -1.23
CA MET A 100 5.01 -8.03 -2.24
C MET A 100 5.79 -7.56 -3.48
N ARG A 101 5.81 -6.25 -3.71
CA ARG A 101 6.55 -5.74 -4.86
C ARG A 101 8.05 -6.02 -4.71
N THR A 102 8.58 -5.86 -3.50
CA THR A 102 9.99 -6.17 -3.27
C THR A 102 10.29 -7.65 -3.08
N HIS A 103 9.26 -8.43 -2.76
CA HIS A 103 9.51 -9.80 -2.32
C HIS A 103 8.96 -10.93 -3.19
N ARG A 104 8.06 -10.62 -4.12
CA ARG A 104 7.33 -11.70 -4.78
C ARG A 104 8.23 -12.59 -5.64
N VAL A 105 9.27 -12.02 -6.24
CA VAL A 105 10.20 -12.85 -7.03
C VAL A 105 10.93 -13.85 -6.15
N MET A 106 11.52 -13.38 -5.04
CA MET A 106 12.18 -14.29 -4.11
C MET A 106 11.21 -15.35 -3.61
N LEU A 107 9.99 -14.92 -3.30
CA LEU A 107 8.98 -15.85 -2.80
C LEU A 107 8.60 -16.90 -3.86
N SER A 108 8.59 -16.51 -5.12
CA SER A 108 8.25 -17.46 -6.19
C SER A 108 9.33 -18.53 -6.30
N HIS A 109 10.58 -18.16 -6.06
CA HIS A 109 11.66 -19.14 -6.07
C HIS A 109 11.58 -20.08 -4.87
N ILE A 110 11.18 -19.56 -3.72
CA ILE A 110 11.02 -20.42 -2.56
C ILE A 110 9.84 -21.36 -2.77
N ALA A 111 8.76 -20.85 -3.36
CA ALA A 111 7.56 -21.64 -3.62
C ALA A 111 7.92 -22.83 -4.49
N ARG A 112 8.65 -22.58 -5.57
CA ARG A 112 9.04 -23.63 -6.50
C ARG A 112 9.92 -24.67 -5.81
N ALA A 113 10.90 -24.21 -5.03
CA ALA A 113 11.84 -25.11 -4.37
C ALA A 113 11.15 -25.98 -3.32
N ALA A 114 10.16 -25.43 -2.63
CA ALA A 114 9.47 -26.17 -1.58
C ALA A 114 8.27 -26.94 -2.15
N GLY A 115 7.81 -26.53 -3.33
CA GLY A 115 6.67 -27.14 -3.98
C GLY A 115 5.36 -26.84 -3.30
N CYS A 116 5.28 -25.67 -2.69
CA CYS A 116 4.09 -25.26 -1.94
C CYS A 116 3.56 -23.91 -2.43
N ARG A 117 2.43 -23.48 -1.88
CA ARG A 117 1.93 -22.14 -2.15
C ARG A 117 2.54 -21.20 -1.12
N VAL A 118 2.86 -19.99 -1.54
CA VAL A 118 3.23 -18.95 -0.59
C VAL A 118 2.03 -18.04 -0.43
N LEU A 119 1.74 -17.65 0.81
CA LEU A 119 0.77 -16.58 1.06
C LEU A 119 1.54 -15.41 1.65
N GLY A 120 1.74 -14.37 0.84
CA GLY A 120 2.54 -13.23 1.23
C GLY A 120 1.66 -12.12 1.77
N LEU A 121 1.98 -11.62 2.95
CA LEU A 121 1.14 -10.58 3.58
C LEU A 121 1.68 -9.18 3.33
N ASP A 122 0.81 -8.30 2.83
CA ASP A 122 1.12 -6.87 2.80
C ASP A 122 0.59 -6.26 4.10
N TYR A 123 1.25 -6.63 5.20
CA TYR A 123 0.81 -6.23 6.52
C TYR A 123 1.01 -4.74 6.75
N ARG A 124 0.34 -4.22 7.78
CA ARG A 124 0.36 -2.80 8.08
C ARG A 124 1.76 -2.31 8.47
N LEU A 125 2.20 -1.21 7.85
CA LEU A 125 3.53 -0.65 8.11
C LEU A 125 3.48 0.62 8.93
N ALA A 126 4.56 0.84 9.67
CA ALA A 126 4.82 2.13 10.32
C ALA A 126 5.41 3.06 9.27
N PRO A 127 5.32 4.39 9.51
CA PRO A 127 4.78 5.04 10.70
C PRO A 127 3.24 5.11 10.74
N GLU A 128 2.58 4.73 9.66
CA GLU A 128 1.11 4.88 9.62
C GLU A 128 0.46 4.10 10.78
N THR A 129 0.90 2.87 11.02
CA THR A 129 0.42 2.14 12.18
C THR A 129 1.63 1.54 12.92
N PRO A 130 1.63 1.65 14.24
CA PRO A 130 2.78 1.14 14.99
C PRO A 130 2.61 -0.31 15.41
N PHE A 131 3.72 -0.90 15.85
CA PHE A 131 3.68 -2.08 16.70
C PHE A 131 2.47 -1.97 17.66
N PRO A 132 1.71 -3.05 17.86
CA PRO A 132 1.89 -4.41 17.34
C PRO A 132 1.04 -4.76 16.11
N ALA A 133 0.74 -3.78 15.26
CA ALA A 133 -0.09 -4.06 14.09
C ALA A 133 0.35 -5.27 13.25
N PRO A 134 1.66 -5.41 12.99
CA PRO A 134 2.00 -6.56 12.13
C PRO A 134 1.77 -7.89 12.82
N VAL A 135 1.87 -7.94 14.15
CA VAL A 135 1.56 -9.17 14.86
C VAL A 135 0.07 -9.47 14.75
N GLU A 136 -0.75 -8.45 14.92
CA GLU A 136 -2.20 -8.61 14.75
C GLU A 136 -2.50 -9.14 13.34
N ASP A 137 -1.83 -8.60 12.35
CA ASP A 137 -2.13 -8.99 10.97
C ASP A 137 -1.75 -10.44 10.72
N THR A 138 -0.60 -10.86 11.25
CA THR A 138 -0.15 -12.23 11.06
C THR A 138 -1.11 -13.21 11.72
N VAL A 139 -1.53 -12.89 12.94
CA VAL A 139 -2.52 -13.70 13.64
C VAL A 139 -3.83 -13.79 12.83
N ALA A 140 -4.29 -12.64 12.32
CA ALA A 140 -5.50 -12.63 11.49
C ALA A 140 -5.36 -13.54 10.27
N ALA A 141 -4.23 -13.46 9.58
CA ALA A 141 -4.00 -14.26 8.37
C ALA A 141 -3.97 -15.73 8.73
N TYR A 142 -3.32 -16.06 9.85
CA TYR A 142 -3.24 -17.45 10.25
C TYR A 142 -4.61 -17.99 10.58
N ARG A 143 -5.40 -17.20 11.33
CA ARG A 143 -6.74 -17.64 11.68
C ARG A 143 -7.56 -17.84 10.40
N TRP A 144 -7.32 -17.00 9.41
CA TRP A 144 -8.03 -17.13 8.14
C TRP A 144 -7.69 -18.48 7.52
N LEU A 145 -6.42 -18.84 7.49
CA LEU A 145 -6.01 -20.12 6.95
C LEU A 145 -6.75 -21.25 7.64
N LEU A 146 -6.76 -21.22 8.97
CA LEU A 146 -7.42 -22.30 9.71
C LEU A 146 -8.91 -22.36 9.40
N ALA A 147 -9.54 -21.19 9.30
CA ALA A 147 -10.99 -21.13 9.06
C ALA A 147 -11.33 -21.67 7.68
N HIS A 148 -10.36 -21.67 6.79
CA HIS A 148 -10.57 -22.11 5.43
C HIS A 148 -10.06 -23.52 5.19
N GLY A 149 -9.79 -24.21 6.29
CA GLY A 149 -9.53 -25.64 6.25
C GLY A 149 -8.10 -26.06 6.03
N TYR A 150 -7.16 -25.12 6.07
CA TYR A 150 -5.73 -25.50 6.01
C TYR A 150 -5.29 -26.09 7.34
N ASP A 151 -4.46 -27.13 7.28
CA ASP A 151 -4.05 -27.90 8.43
C ASP A 151 -2.79 -27.26 9.01
N PRO A 152 -2.78 -26.98 10.33
CA PRO A 152 -1.57 -26.42 10.95
C PRO A 152 -0.32 -27.20 10.60
N SER A 153 -0.44 -28.52 10.45
CA SER A 153 0.76 -29.34 10.21
C SER A 153 1.30 -29.14 8.80
N ARG A 154 0.56 -28.41 7.97
CA ARG A 154 0.97 -28.13 6.60
C ARG A 154 1.18 -26.65 6.35
N ILE A 155 1.27 -25.89 7.41
CA ILE A 155 1.57 -24.46 7.32
C ILE A 155 2.91 -24.18 7.98
N ALA A 156 3.72 -23.35 7.34
CA ALA A 156 4.93 -22.82 7.98
C ALA A 156 4.87 -21.31 7.90
N LEU A 157 5.48 -20.63 8.87
CA LEU A 157 5.63 -19.19 8.78
C LEU A 157 7.06 -18.87 8.37
N GLY A 158 7.23 -17.86 7.52
CA GLY A 158 8.56 -17.43 7.15
C GLY A 158 8.68 -15.94 7.03
N GLY A 159 9.90 -15.42 7.12
CA GLY A 159 10.09 -13.99 6.93
C GLY A 159 11.54 -13.60 7.01
N ASP A 160 11.84 -12.40 6.53
CA ASP A 160 13.20 -11.88 6.54
C ASP A 160 13.28 -10.56 7.29
N SER A 161 14.44 -10.32 7.91
CA SER A 161 14.70 -9.11 8.69
C SER A 161 13.56 -8.82 9.66
N ALA A 162 12.89 -7.67 9.58
CA ALA A 162 11.80 -7.40 10.51
C ALA A 162 10.81 -8.56 10.48
N GLY A 163 10.53 -9.05 9.27
CA GLY A 163 9.64 -10.19 9.07
C GLY A 163 10.12 -11.47 9.72
N GLY A 164 11.43 -11.66 9.81
CA GLY A 164 11.99 -12.79 10.54
C GLY A 164 11.75 -12.73 12.03
N GLY A 165 11.86 -11.52 12.60
CA GLY A 165 11.51 -11.32 13.99
C GLY A 165 10.01 -11.52 14.16
N LEU A 166 9.23 -11.06 13.19
CA LEU A 166 7.77 -11.16 13.26
C LEU A 166 7.32 -12.61 13.25
N VAL A 167 8.02 -13.49 12.52
CA VAL A 167 7.72 -14.91 12.59
C VAL A 167 7.72 -15.40 14.04
N VAL A 168 8.77 -15.04 14.78
CA VAL A 168 8.90 -15.51 16.15
C VAL A 168 7.80 -14.89 17.03
N ALA A 169 7.62 -13.57 16.91
CA ALA A 169 6.59 -12.89 17.70
C ALA A 169 5.19 -13.46 17.41
N ALA A 170 4.93 -13.76 16.14
CA ALA A 170 3.61 -14.26 15.76
C ALA A 170 3.41 -15.68 16.30
N LEU A 171 4.45 -16.51 16.24
CA LEU A 171 4.36 -17.85 16.82
C LEU A 171 4.09 -17.80 18.32
N VAL A 172 4.78 -16.92 19.03
CA VAL A 172 4.54 -16.76 20.45
C VAL A 172 3.11 -16.28 20.70
N ALA A 173 2.68 -15.26 19.96
CA ALA A 173 1.32 -14.74 20.12
C ALA A 173 0.28 -15.83 19.90
N LEU A 174 0.45 -16.61 18.84
CA LEU A 174 -0.48 -17.69 18.54
C LEU A 174 -0.58 -18.67 19.69
N ARG A 175 0.57 -19.07 20.25
CA ARG A 175 0.53 -19.93 21.42
C ARG A 175 -0.20 -19.26 22.60
N TYR A 176 0.13 -18.00 22.83
CA TYR A 176 -0.46 -17.27 23.94
C TYR A 176 -2.00 -17.18 23.87
N ILE A 177 -2.55 -17.13 22.66
CA ILE A 177 -4.01 -17.04 22.47
C ILE A 177 -4.61 -18.39 22.06
N GLY A 178 -3.82 -19.45 22.23
CA GLY A 178 -4.37 -20.80 22.14
C GLY A 178 -4.67 -21.32 20.74
N GLU A 179 -4.10 -20.68 19.73
CA GLU A 179 -4.27 -21.21 18.37
C GLU A 179 -3.32 -22.38 18.14
N PRO A 180 -3.75 -23.37 17.34
CA PRO A 180 -2.87 -24.51 17.09
C PRO A 180 -1.65 -24.08 16.28
N LEU A 181 -0.46 -24.40 16.77
CA LEU A 181 0.75 -23.88 16.15
C LEU A 181 1.06 -24.58 14.83
N PRO A 182 1.66 -23.85 13.89
CA PRO A 182 2.07 -24.41 12.59
C PRO A 182 3.28 -25.32 12.73
N ALA A 183 3.71 -25.89 11.60
CA ALA A 183 4.71 -26.96 11.62
C ALA A 183 6.14 -26.46 11.75
N ALA A 184 6.38 -25.20 11.43
CA ALA A 184 7.74 -24.68 11.37
C ALA A 184 7.78 -23.17 11.15
N GLY A 185 8.95 -22.59 11.43
CA GLY A 185 9.22 -21.20 11.14
C GLY A 185 10.56 -21.07 10.43
N VAL A 186 10.65 -20.11 9.53
CA VAL A 186 11.88 -19.84 8.78
C VAL A 186 12.20 -18.37 8.98
N CYS A 187 13.41 -18.10 9.48
CA CYS A 187 13.83 -16.74 9.83
C CYS A 187 15.08 -16.39 9.03
N LEU A 188 14.96 -15.42 8.15
CA LEU A 188 16.04 -15.02 7.26
C LEU A 188 16.58 -13.67 7.72
N SER A 189 17.83 -13.66 8.20
CA SER A 189 18.43 -12.45 8.77
C SER A 189 17.47 -11.76 9.75
N PRO A 190 16.95 -12.50 10.74
CA PRO A 190 15.85 -11.94 11.56
C PRO A 190 16.29 -10.78 12.45
N TRP A 191 15.41 -9.81 12.62
CA TRP A 191 15.66 -8.69 13.51
C TRP A 191 14.82 -8.92 14.76
N ILE A 192 15.48 -9.23 15.86
CA ILE A 192 14.79 -9.55 17.12
C ILE A 192 15.03 -8.61 18.29
N ASP A 193 15.75 -7.53 18.07
CA ASP A 193 16.13 -6.64 19.15
C ASP A 193 16.05 -5.20 18.66
N MET A 194 15.01 -4.50 19.09
CA MET A 194 14.79 -3.11 18.68
C MET A 194 15.95 -2.19 19.05
N GLU A 195 16.71 -2.53 20.09
CA GLU A 195 17.76 -1.63 20.56
C GLU A 195 19.14 -1.89 19.94
N ALA A 196 19.24 -2.92 19.10
CA ALA A 196 20.46 -3.21 18.37
C ALA A 196 21.65 -3.31 19.31
N THR A 197 21.51 -4.13 20.35
CA THR A 197 22.56 -4.27 21.35
C THR A 197 23.59 -5.34 21.01
N GLY A 198 23.35 -6.08 19.94
CA GLY A 198 24.24 -7.16 19.55
C GLY A 198 25.67 -6.68 19.32
N GLU A 199 26.60 -7.46 19.89
CA GLU A 199 28.01 -7.00 19.60
CA GLU A 199 27.97 -7.16 19.54
C GLU A 199 28.51 -6.92 18.04
N SER A 200 27.78 -7.69 17.25
CA SER A 200 28.00 -7.67 15.81
C SER A 200 27.67 -6.32 15.18
N PHE A 201 26.91 -5.49 15.88
CA PHE A 201 26.64 -4.16 15.38
C PHE A 201 27.91 -3.33 15.42
N THR A 202 28.85 -3.75 16.24
CA THR A 202 30.19 -3.18 16.25
C THR A 202 31.15 -4.00 15.38
N THR A 203 31.19 -5.30 15.63
CA THR A 203 32.14 -6.16 14.95
C THR A 203 31.99 -6.12 13.42
N ASN A 204 30.76 -6.12 12.93
CA ASN A 204 30.49 -6.12 11.50
C ASN A 204 30.12 -4.75 10.94
N ALA A 205 30.29 -3.70 11.75
CA ALA A 205 29.97 -2.35 11.31
C ALA A 205 30.64 -2.02 9.97
N THR A 206 31.92 -2.36 9.83
CA THR A 206 32.65 -2.03 8.60
C THR A 206 32.41 -3.04 7.49
N MET A 207 31.66 -4.10 7.79
CA MET A 207 31.52 -5.21 6.85
C MET A 207 30.14 -5.23 6.18
N ASP A 208 29.14 -4.65 6.83
CA ASP A 208 27.75 -4.78 6.40
C ASP A 208 27.37 -3.58 5.51
N PRO A 209 27.08 -3.83 4.25
CA PRO A 209 26.80 -2.72 3.34
C PRO A 209 25.39 -2.15 3.43
N SER A 210 24.48 -2.82 4.12
CA SER A 210 23.11 -2.33 4.13
C SER A 210 22.47 -2.06 5.48
N VAL A 211 22.96 -2.66 6.55
CA VAL A 211 22.37 -2.46 7.86
C VAL A 211 23.39 -1.98 8.87
N ASN A 212 23.06 -0.94 9.61
CA ASN A 212 23.93 -0.52 10.71
C ASN A 212 23.08 -0.11 11.89
N LYS A 213 23.71 0.07 13.04
CA LYS A 213 22.99 0.34 14.27
C LYS A 213 22.12 1.59 14.20
N GLU A 214 22.66 2.66 13.62
CA GLU A 214 21.90 3.89 13.49
C GLU A 214 20.59 3.69 12.74
N ARG A 215 20.64 2.98 11.62
CA ARG A 215 19.45 2.76 10.83
C ARG A 215 18.45 1.89 11.57
N VAL A 216 18.97 0.84 12.19
CA VAL A 216 18.11 -0.04 12.97
C VAL A 216 17.37 0.74 14.05
N MET A 217 18.09 1.58 14.78
CA MET A 217 17.47 2.38 15.82
C MET A 217 16.42 3.34 15.29
N TRP A 218 16.66 3.89 14.11
CA TRP A 218 15.70 4.76 13.49
C TRP A 218 14.42 4.03 13.16
N PHE A 219 14.55 2.89 12.50
CA PHE A 219 13.37 2.11 12.15
C PHE A 219 12.64 1.65 13.40
N ALA A 220 13.39 1.30 14.43
CA ALA A 220 12.77 0.87 15.68
C ALA A 220 11.90 1.99 16.25
N ALA A 221 12.44 3.19 16.26
CA ALA A 221 11.68 4.33 16.76
C ALA A 221 10.37 4.52 16.00
N LEU A 222 10.45 4.40 14.69
CA LEU A 222 9.26 4.53 13.88
C LEU A 222 8.25 3.43 14.19
N TYR A 223 8.71 2.19 14.32
CA TYR A 223 7.82 1.06 14.53
C TYR A 223 7.14 1.13 15.89
N LEU A 224 7.90 1.50 16.92
CA LEU A 224 7.44 1.37 18.28
C LEU A 224 6.35 2.39 18.68
N GLY A 225 6.36 3.54 18.03
CA GLY A 225 5.37 4.57 18.33
C GLY A 225 5.35 4.91 19.81
N GLY A 226 6.54 4.93 20.42
CA GLY A 226 6.69 5.27 21.82
C GLY A 226 6.54 4.12 22.81
N LYS A 227 6.29 2.93 22.32
CA LYS A 227 6.14 1.77 23.19
C LYS A 227 7.51 1.21 23.61
N ASN A 228 7.49 0.35 24.62
CA ASN A 228 8.72 -0.16 25.20
C ASN A 228 9.55 -0.96 24.20
N PRO A 229 10.80 -0.55 23.96
CA PRO A 229 11.61 -1.24 22.94
C PRO A 229 11.96 -2.69 23.31
N GLN A 230 11.81 -3.05 24.59
CA GLN A 230 12.09 -4.43 25.00
C GLN A 230 10.81 -5.27 25.05
N ALA A 231 9.70 -4.71 24.57
CA ALA A 231 8.46 -5.48 24.50
C ALA A 231 8.72 -6.80 23.79
N PRO A 232 8.35 -7.93 24.40
CA PRO A 232 8.64 -9.23 23.80
C PRO A 232 8.13 -9.44 22.38
N LEU A 233 6.99 -8.84 22.01
CA LEU A 233 6.52 -9.08 20.65
C LEU A 233 7.13 -8.14 19.61
N ALA A 234 7.88 -7.13 20.06
CA ALA A 234 8.66 -6.29 19.18
C ALA A 234 10.10 -6.79 19.15
N SER A 235 10.59 -7.19 20.32
CA SER A 235 11.94 -7.72 20.48
C SER A 235 11.88 -9.10 21.07
N PRO A 236 11.66 -10.11 20.23
CA PRO A 236 11.47 -11.46 20.77
C PRO A 236 12.75 -12.04 21.42
N LEU A 237 13.85 -11.30 21.36
CA LEU A 237 14.98 -11.53 22.26
C LEU A 237 14.48 -11.69 23.70
N TYR A 238 13.34 -11.08 24.01
CA TYR A 238 12.81 -11.10 25.37
C TYR A 238 11.55 -11.96 25.52
N ALA A 239 11.20 -12.69 24.47
CA ALA A 239 9.97 -13.46 24.48
C ALA A 239 10.13 -14.89 24.99
N ASP A 240 9.05 -15.40 25.58
CA ASP A 240 8.93 -16.81 25.95
C ASP A 240 8.83 -17.63 24.68
N LEU A 241 9.85 -18.45 24.40
CA LEU A 241 9.90 -19.23 23.16
C LEU A 241 9.46 -20.67 23.30
N GLN A 242 9.01 -21.06 24.49
CA GLN A 242 8.57 -22.43 24.69
C GLN A 242 7.45 -22.83 23.75
N GLY A 243 7.49 -24.08 23.34
CA GLY A 243 6.45 -24.65 22.51
C GLY A 243 6.51 -24.37 21.02
N LEU A 244 7.43 -23.54 20.59
CA LEU A 244 7.50 -23.21 19.19
C LEU A 244 7.94 -24.43 18.36
N PRO A 245 7.49 -24.47 17.12
CA PRO A 245 7.87 -25.52 16.19
C PRO A 245 9.31 -25.32 15.70
N PRO A 246 9.85 -26.29 14.96
CA PRO A 246 11.24 -26.18 14.50
C PRO A 246 11.47 -24.90 13.70
N LEU A 247 12.64 -24.29 13.92
CA LEU A 247 13.00 -23.07 13.21
C LEU A 247 14.25 -23.29 12.38
N LEU A 248 14.26 -22.73 11.18
CA LEU A 248 15.50 -22.63 10.39
C LEU A 248 15.88 -21.16 10.40
N VAL A 249 17.09 -20.85 10.84
CA VAL A 249 17.56 -19.47 10.87
C VAL A 249 18.74 -19.33 9.91
N GLN A 250 18.62 -18.48 8.88
CA GLN A 250 19.75 -18.20 8.00
C GLN A 250 20.19 -16.76 8.20
N VAL A 251 21.49 -16.52 8.11
CA VAL A 251 22.01 -15.16 8.26
C VAL A 251 23.38 -15.09 7.60
N GLY A 252 23.79 -13.90 7.19
CA GLY A 252 25.07 -13.73 6.52
C GLY A 252 26.18 -13.41 7.50
N GLY A 253 27.39 -13.88 7.20
CA GLY A 253 28.50 -13.73 8.12
C GLY A 253 29.02 -12.32 8.32
N ILE A 254 28.70 -11.42 7.40
CA ILE A 254 29.13 -10.03 7.49
C ILE A 254 28.05 -9.12 8.07
N GLU A 255 26.94 -9.70 8.49
CA GLU A 255 25.80 -8.88 8.94
C GLU A 255 25.94 -8.33 10.36
N THR A 256 25.56 -7.07 10.53
CA THR A 256 25.43 -6.52 11.87
C THR A 256 24.33 -7.22 12.67
N LEU A 257 23.35 -7.79 11.97
CA LEU A 257 22.31 -8.59 12.62
C LEU A 257 22.74 -10.02 12.94
N LEU A 258 24.02 -10.33 12.76
CA LEU A 258 24.50 -11.68 13.08
C LEU A 258 24.17 -12.14 14.51
N ASP A 259 24.40 -11.28 15.50
CA ASP A 259 24.13 -11.68 16.87
C ASP A 259 22.61 -11.83 17.16
N ASP A 260 21.78 -11.14 16.40
CA ASP A 260 20.33 -11.35 16.55
C ASP A 260 20.00 -12.80 16.19
N ALA A 261 20.59 -13.29 15.12
CA ALA A 261 20.34 -14.65 14.66
C ALA A 261 20.90 -15.65 15.67
N ARG A 262 22.11 -15.40 16.14
CA ARG A 262 22.71 -16.24 17.17
C ARG A 262 21.87 -16.29 18.44
N ALA A 263 21.42 -15.12 18.89
CA ALA A 263 20.64 -15.05 20.12
C ALA A 263 19.30 -15.77 19.97
N LEU A 264 18.66 -15.61 18.81
CA LEU A 264 17.38 -16.27 18.59
C LEU A 264 17.56 -17.78 18.71
N THR A 265 18.59 -18.28 18.06
CA THR A 265 18.82 -19.72 18.02
C THR A 265 19.15 -20.25 19.41
N THR A 266 20.02 -19.55 20.11
CA THR A 266 20.43 -19.97 21.44
C THR A 266 19.22 -19.98 22.37
N ARG A 267 18.45 -18.91 22.35
CA ARG A 267 17.32 -18.79 23.25
C ARG A 267 16.25 -19.80 22.91
N ALA A 268 16.08 -20.08 21.64
CA ALA A 268 15.08 -21.06 21.25
C ALA A 268 15.47 -22.44 21.75
N LYS A 269 16.70 -22.83 21.50
CA LYS A 269 17.17 -24.12 22.00
C LYS A 269 16.99 -24.28 23.50
N ALA A 270 17.30 -23.22 24.25
CA ALA A 270 17.17 -23.24 25.70
C ALA A 270 15.73 -23.45 26.12
N ALA A 271 14.79 -23.01 25.27
CA ALA A 271 13.37 -23.16 25.56
C ALA A 271 12.82 -24.49 25.05
N GLY A 272 13.71 -25.35 24.58
CA GLY A 272 13.33 -26.67 24.08
C GLY A 272 12.88 -26.72 22.63
N VAL A 273 13.12 -25.63 21.88
CA VAL A 273 12.77 -25.59 20.48
C VAL A 273 13.86 -26.20 19.60
N ASP A 274 13.44 -26.95 18.58
CA ASP A 274 14.36 -27.49 17.60
C ASP A 274 14.76 -26.40 16.59
N ALA A 275 15.76 -25.61 16.95
CA ALA A 275 16.22 -24.48 16.15
C ALA A 275 17.58 -24.76 15.55
N ASP A 276 17.76 -24.39 14.28
CA ASP A 276 19.03 -24.58 13.60
C ASP A 276 19.52 -23.28 12.97
N LEU A 277 20.80 -22.96 13.19
CA LEU A 277 21.37 -21.73 12.68
C LEU A 277 22.35 -22.01 11.53
N GLU A 278 22.15 -21.33 10.40
CA GLU A 278 23.09 -21.36 9.29
C GLU A 278 23.70 -19.99 9.06
N VAL A 279 25.00 -19.87 9.29
CA VAL A 279 25.70 -18.64 8.98
C VAL A 279 26.42 -18.81 7.64
N TRP A 280 26.03 -18.00 6.68
CA TRP A 280 26.55 -18.09 5.32
C TRP A 280 27.67 -17.06 5.14
N ASP A 281 28.91 -17.53 5.10
CA ASP A 281 30.05 -16.63 5.03
C ASP A 281 29.93 -15.60 3.91
N ASP A 282 30.35 -14.38 4.21
CA ASP A 282 30.46 -13.32 3.21
C ASP A 282 29.13 -12.77 2.66
N MET A 283 27.99 -13.32 3.09
CA MET A 283 26.72 -12.92 2.50
C MET A 283 26.12 -11.68 3.17
N PRO A 284 25.62 -10.75 2.35
CA PRO A 284 24.96 -9.55 2.88
C PRO A 284 23.54 -9.86 3.37
N HIS A 285 22.94 -8.90 4.05
CA HIS A 285 21.57 -8.99 4.56
C HIS A 285 20.57 -9.48 3.48
N VAL A 286 19.83 -10.54 3.81
CA VAL A 286 18.82 -11.12 2.93
C VAL A 286 19.36 -11.28 1.50
N TRP A 287 20.52 -11.93 1.42
CA TRP A 287 21.19 -12.11 0.13
C TRP A 287 20.32 -12.97 -0.79
N GLN A 288 19.33 -13.65 -0.24
CA GLN A 288 18.46 -14.50 -1.05
C GLN A 288 17.69 -13.69 -2.09
N HIS A 289 17.51 -12.39 -1.86
CA HIS A 289 16.88 -11.53 -2.86
C HIS A 289 17.62 -11.59 -4.18
N PHE A 290 18.91 -11.91 -4.12
CA PHE A 290 19.78 -11.80 -5.29
C PHE A 290 20.06 -13.16 -5.92
N ALA A 291 19.26 -14.16 -5.57
CA ALA A 291 19.42 -15.50 -6.14
C ALA A 291 19.54 -15.53 -7.67
N PRO A 292 18.76 -14.71 -8.38
CA PRO A 292 18.89 -14.74 -9.84
C PRO A 292 20.31 -14.49 -10.34
N ILE A 293 21.09 -13.71 -9.61
CA ILE A 293 22.43 -13.34 -10.05
C ILE A 293 23.50 -13.72 -9.04
N LEU A 294 23.14 -14.53 -8.05
CA LEU A 294 24.07 -14.91 -7.00
C LEU A 294 23.89 -16.37 -6.61
N PRO A 295 24.89 -17.21 -6.90
CA PRO A 295 24.84 -18.64 -6.58
C PRO A 295 24.40 -18.94 -5.14
N GLU A 296 25.00 -18.25 -4.17
CA GLU A 296 24.69 -18.50 -2.76
C GLU A 296 23.23 -18.19 -2.46
N GLY A 297 22.63 -17.30 -3.24
CA GLY A 297 21.21 -17.00 -3.13
C GLY A 297 20.37 -18.20 -3.50
N LYS A 298 20.66 -18.79 -4.65
CA LYS A 298 19.96 -19.99 -5.09
C LYS A 298 20.18 -21.15 -4.13
N GLN A 299 21.40 -21.26 -3.60
CA GLN A 299 21.73 -22.35 -2.69
C GLN A 299 20.94 -22.23 -1.38
N ALA A 300 20.83 -21.01 -0.87
CA ALA A 300 20.11 -20.79 0.37
C ALA A 300 18.61 -21.05 0.17
N ILE A 301 18.08 -20.64 -0.98
CA ILE A 301 16.68 -20.88 -1.31
C ILE A 301 16.40 -22.38 -1.45
N ALA A 302 17.36 -23.13 -2.00
CA ALA A 302 17.19 -24.58 -2.08
C ALA A 302 17.15 -25.20 -0.68
N ARG A 303 17.95 -24.66 0.22
CA ARG A 303 17.99 -25.15 1.59
C ARG A 303 16.67 -24.88 2.31
N ILE A 304 16.12 -23.68 2.10
CA ILE A 304 14.80 -23.38 2.66
C ILE A 304 13.78 -24.38 2.14
N GLY A 305 13.85 -24.67 0.84
CA GLY A 305 12.96 -25.62 0.21
C GLY A 305 13.03 -27.01 0.83
N GLU A 306 14.25 -27.47 1.11
CA GLU A 306 14.45 -28.78 1.72
C GLU A 306 13.85 -28.80 3.12
N PHE A 307 14.08 -27.73 3.88
CA PHE A 307 13.54 -27.62 5.22
C PHE A 307 12.02 -27.67 5.21
N LEU A 308 11.41 -26.90 4.31
CA LEU A 308 9.95 -26.88 4.23
C LEU A 308 9.42 -28.24 3.82
N ARG A 309 10.10 -28.89 2.87
CA ARG A 309 9.64 -30.20 2.42
C ARG A 309 9.70 -31.22 3.56
N LYS A 310 10.70 -31.08 4.43
CA LYS A 310 10.85 -31.97 5.57
C LYS A 310 9.83 -31.68 6.68
N GLN A 311 9.38 -30.42 6.75
CA GLN A 311 8.48 -30.02 7.85
C GLN A 311 6.99 -30.02 7.47
N ILE A 312 6.65 -29.47 6.30
CA ILE A 312 5.24 -29.44 5.90
C ILE A 312 4.93 -30.46 4.81
N GLY A 313 5.89 -31.33 4.55
CA GLY A 313 5.69 -32.43 3.62
C GLY A 313 6.09 -33.77 4.21
N MET B 17 -8.25 16.78 -28.93
CA MET B 17 -9.46 17.57 -28.71
C MET B 17 -9.19 19.07 -28.85
N ALA B 18 -7.99 19.39 -29.33
CA ALA B 18 -7.60 20.77 -29.55
C ALA B 18 -6.21 20.75 -30.18
N LYS B 19 -5.95 21.69 -31.08
CA LYS B 19 -4.63 21.80 -31.70
C LYS B 19 -3.72 22.53 -30.72
N SER B 20 -3.84 22.15 -29.44
CA SER B 20 -2.98 22.67 -28.38
C SER B 20 -1.88 21.66 -28.09
N PRO B 21 -0.62 22.04 -28.32
CA PRO B 21 0.54 21.16 -28.19
C PRO B 21 0.63 20.58 -26.78
N GLU B 22 0.00 21.26 -25.83
CA GLU B 22 -0.05 20.78 -24.46
C GLU B 22 -1.07 19.67 -24.29
N LEU B 23 -2.26 19.87 -24.81
CA LEU B 23 -3.34 18.92 -24.57
C LEU B 23 -3.10 17.69 -25.41
N ASP B 24 -2.37 17.89 -26.49
CA ASP B 24 -2.01 16.80 -27.38
C ASP B 24 -0.96 15.91 -26.76
N ARG B 25 0.02 16.52 -26.10
CA ARG B 25 1.05 15.76 -25.40
C ARG B 25 0.30 14.87 -24.41
N VAL B 26 -0.68 15.52 -23.78
CA VAL B 26 -1.55 14.88 -22.87
C VAL B 26 -2.21 13.56 -23.33
N ILE B 27 -3.06 13.67 -24.35
CA ILE B 27 -3.77 12.56 -24.92
C ILE B 27 -2.84 11.42 -25.31
N GLY B 28 -1.60 11.80 -25.63
CA GLY B 28 -0.58 10.83 -25.96
C GLY B 28 -0.17 10.01 -24.77
N MET B 29 0.03 10.67 -23.63
CA MET B 29 0.38 9.99 -22.39
C MET B 29 -0.81 9.19 -21.86
N ILE B 30 -2.00 9.50 -22.35
CA ILE B 30 -3.20 8.77 -21.96
C ILE B 30 -3.39 7.51 -22.79
N ARG B 31 -3.25 7.68 -24.10
CA ARG B 31 -3.43 6.62 -25.08
C ARG B 31 -2.41 5.49 -24.97
N GLU B 32 -1.16 5.82 -24.70
CA GLU B 32 -0.14 4.80 -24.55
C GLU B 32 -0.33 4.04 -23.23
N ARG B 33 -1.42 4.37 -22.55
CA ARG B 33 -1.86 3.69 -21.34
C ARG B 33 -2.32 2.27 -21.63
N ALA B 34 -3.38 2.13 -22.42
CA ALA B 34 -3.97 0.83 -22.70
C ALA B 34 -2.98 -0.12 -23.37
N ALA B 35 -2.20 0.42 -24.32
CA ALA B 35 -1.25 -0.37 -25.08
C ALA B 35 -0.43 -1.33 -24.21
N THR B 36 0.14 -0.81 -23.13
CA THR B 36 0.94 -1.62 -22.23
C THR B 36 0.13 -2.79 -21.66
N PRO B 37 0.66 -4.02 -21.80
CA PRO B 37 -0.04 -5.28 -21.52
C PRO B 37 -0.03 -5.95 -20.15
N ARG B 38 0.07 -5.23 -19.03
CA ARG B 38 -0.01 -5.87 -17.72
C ARG B 38 -0.95 -7.06 -17.41
N LYS B 39 -0.51 -8.06 -16.66
CA LYS B 39 -1.35 -9.23 -16.40
C LYS B 39 -1.89 -9.39 -14.98
N THR B 40 -1.24 -8.77 -14.02
CA THR B 40 -1.69 -8.89 -12.63
C THR B 40 -2.29 -7.59 -12.09
N THR B 41 -2.95 -7.67 -10.94
CA THR B 41 -3.50 -6.49 -10.31
C THR B 41 -2.37 -5.50 -10.02
N ASP B 42 -1.26 -6.00 -9.49
CA ASP B 42 -0.17 -5.08 -9.15
C ASP B 42 0.52 -4.52 -10.39
N ASP B 43 0.56 -5.31 -11.48
CA ASP B 43 1.06 -4.81 -12.77
C ASP B 43 0.29 -3.55 -13.13
N ASP B 44 -1.03 -3.64 -12.99
CA ASP B 44 -1.92 -2.54 -13.29
C ASP B 44 -1.67 -1.36 -12.37
N ARG B 45 -1.48 -1.64 -11.08
CA ARG B 45 -1.23 -0.57 -10.13
C ARG B 45 0.08 0.14 -10.46
N ARG B 46 1.11 -0.65 -10.76
CA ARG B 46 2.44 -0.12 -11.06
C ARG B 46 2.46 0.71 -12.33
N LEU B 47 1.76 0.23 -13.35
CA LEU B 47 1.70 0.94 -14.63
C LEU B 47 1.03 2.29 -14.43
N TYR B 48 -0.01 2.29 -13.60
CA TYR B 48 -0.70 3.53 -13.30
C TYR B 48 0.26 4.48 -12.59
N GLU B 49 1.11 3.95 -11.70
CA GLU B 49 2.08 4.81 -11.03
C GLU B 49 3.08 5.39 -12.03
N THR B 50 3.48 4.59 -13.00
CA THR B 50 4.40 5.08 -14.01
C THR B 50 3.75 6.16 -14.84
N MET B 51 2.47 5.97 -15.18
CA MET B 51 1.74 6.91 -16.00
C MET B 51 1.52 8.24 -15.31
N LEU B 52 1.06 8.18 -14.07
CA LEU B 52 0.61 9.37 -13.38
C LEU B 52 1.59 9.88 -12.32
N GLY B 53 2.48 9.00 -11.86
CA GLY B 53 3.35 9.35 -10.77
C GLY B 53 4.83 9.36 -11.10
N SER B 54 5.18 9.67 -12.34
CA SER B 54 6.59 9.68 -12.70
C SER B 54 7.28 11.01 -12.40
N MET B 55 6.50 12.07 -12.27
CA MET B 55 7.05 13.40 -12.01
C MET B 55 7.26 13.61 -10.52
N PRO B 56 8.32 14.30 -10.14
CA PRO B 56 8.58 14.53 -8.72
C PRO B 56 7.76 15.68 -8.16
N LEU B 57 7.61 15.69 -6.85
CA LEU B 57 7.00 16.79 -6.15
C LEU B 57 7.91 17.99 -6.29
N ASP B 58 7.35 19.19 -6.25
CA ASP B 58 8.18 20.37 -6.19
C ASP B 58 8.97 20.28 -4.91
N ASP B 59 10.14 20.89 -4.91
CA ASP B 59 11.07 20.72 -3.78
C ASP B 59 10.51 21.20 -2.44
N ASP B 60 9.64 22.20 -2.48
CA ASP B 60 9.14 22.80 -1.25
C ASP B 60 7.87 22.16 -0.67
N ILE B 61 7.39 21.10 -1.30
CA ILE B 61 6.18 20.47 -0.80
C ILE B 61 6.51 19.62 0.43
N GLN B 62 5.83 19.92 1.53
CA GLN B 62 6.01 19.19 2.78
C GLN B 62 5.03 18.02 2.84
N THR B 63 5.52 16.83 3.21
CA THR B 63 4.64 15.67 3.34
C THR B 63 4.96 14.86 4.59
N GLU B 64 3.97 14.13 5.07
CA GLU B 64 4.15 13.26 6.24
C GLU B 64 3.19 12.10 6.12
N ARG B 65 3.70 10.89 6.29
CA ARG B 65 2.83 9.71 6.35
C ARG B 65 2.35 9.52 7.79
N LEU B 66 1.06 9.20 7.93
CA LEU B 66 0.49 8.96 9.25
C LEU B 66 -0.73 8.07 9.13
N GLY B 67 -1.20 7.59 10.28
CA GLY B 67 -2.44 6.84 10.35
C GLY B 67 -3.52 7.71 10.96
N VAL B 68 -4.68 7.70 10.33
CA VAL B 68 -5.83 8.43 10.88
C VAL B 68 -6.96 7.43 11.18
N ASN B 69 -7.12 7.15 12.46
CA ASN B 69 -8.04 6.09 12.88
C ASN B 69 -7.81 4.80 12.09
N GLY B 70 -6.53 4.46 11.90
CA GLY B 70 -6.17 3.22 11.24
C GLY B 70 -5.98 3.30 9.73
N VAL B 71 -6.41 4.40 9.13
CA VAL B 71 -6.34 4.56 7.68
C VAL B 71 -5.00 5.20 7.31
N PRO B 72 -4.21 4.54 6.46
CA PRO B 72 -2.94 5.15 6.04
C PRO B 72 -3.22 6.44 5.28
N ALA B 73 -2.49 7.51 5.57
CA ALA B 73 -2.77 8.81 4.97
C ALA B 73 -1.49 9.64 4.83
N GLU B 74 -1.61 10.78 4.16
CA GLU B 74 -0.45 11.62 3.92
C GLU B 74 -0.86 13.09 4.01
N TRP B 75 -0.22 13.86 4.88
CA TRP B 75 -0.33 15.30 4.83
C TRP B 75 0.46 15.80 3.62
N ILE B 76 -0.12 16.71 2.86
CA ILE B 76 0.57 17.30 1.72
C ILE B 76 0.28 18.79 1.75
N TYR B 77 1.32 19.61 1.82
CA TYR B 77 1.08 21.05 1.84
C TYR B 77 2.29 21.86 1.40
N ALA B 78 2.04 23.10 0.98
CA ALA B 78 3.11 23.98 0.51
C ALA B 78 3.36 25.06 1.56
N PRO B 79 4.52 25.71 1.48
CA PRO B 79 4.80 26.81 2.41
C PRO B 79 3.64 27.80 2.41
N GLY B 80 3.30 28.35 3.57
CA GLY B 80 2.22 29.31 3.67
C GLY B 80 0.85 28.71 3.98
N ALA B 81 0.75 27.39 3.98
CA ALA B 81 -0.53 26.74 4.24
C ALA B 81 -1.10 27.08 5.62
N ARG B 82 -2.41 27.28 5.68
CA ARG B 82 -3.11 27.37 6.95
C ARG B 82 -3.24 25.96 7.52
N ASP B 83 -2.72 25.84 8.72
CA ASP B 83 -2.79 24.50 9.28
CA ASP B 83 -2.79 24.51 9.29
C ASP B 83 -4.10 23.82 9.90
N ASP B 84 -5.02 24.81 9.90
CA ASP B 84 -6.35 24.45 10.40
C ASP B 84 -7.39 24.27 9.28
N GLN B 85 -6.95 24.39 8.03
CA GLN B 85 -7.83 24.16 6.90
C GLN B 85 -7.43 22.86 6.22
N VAL B 86 -8.38 21.94 6.10
CA VAL B 86 -8.02 20.61 5.60
C VAL B 86 -8.89 20.19 4.43
N PHE B 87 -8.24 19.75 3.36
CA PHE B 87 -8.92 19.16 2.22
C PHE B 87 -8.67 17.66 2.31
N LEU B 88 -9.68 16.93 2.79
CA LEU B 88 -9.58 15.48 2.94
C LEU B 88 -9.87 14.87 1.59
N TYR B 89 -8.84 14.28 0.97
CA TYR B 89 -8.90 13.87 -0.40
C TYR B 89 -8.84 12.37 -0.54
N LEU B 90 -9.69 11.78 -1.45
CA LEU B 90 -10.07 10.57 -1.97
CA LEU B 90 -10.12 10.42 -2.08
C LEU B 90 -9.83 10.23 -3.66
N HIS B 91 -8.62 9.62 -3.74
CA HIS B 91 -8.06 9.43 -5.05
C HIS B 91 -8.88 8.51 -5.90
N GLY B 92 -8.79 8.71 -7.21
CA GLY B 92 -9.42 7.83 -8.17
C GLY B 92 -8.65 6.58 -8.49
N GLY B 93 -9.16 5.80 -9.44
CA GLY B 93 -8.58 4.52 -9.78
C GLY B 93 -9.56 3.36 -9.70
N GLY B 94 -10.84 3.66 -9.84
CA GLY B 94 -11.85 2.62 -9.93
C GLY B 94 -12.05 1.80 -8.67
N TYR B 95 -11.57 2.32 -7.54
CA TYR B 95 -11.56 1.62 -6.25
C TYR B 95 -10.62 0.41 -6.23
N VAL B 96 -9.74 0.32 -7.21
CA VAL B 96 -8.90 -0.86 -7.39
C VAL B 96 -7.42 -0.48 -7.49
N ILE B 97 -7.15 0.64 -8.17
CA ILE B 97 -5.79 1.14 -8.33
C ILE B 97 -5.67 2.58 -7.84
N GLY B 98 -4.47 3.15 -7.96
CA GLY B 98 -4.24 4.51 -7.50
C GLY B 98 -3.80 4.55 -6.04
N SER B 99 -3.19 5.68 -5.67
CA SER B 99 -2.68 5.90 -4.32
C SER B 99 -2.09 7.30 -4.29
N MET B 100 -1.50 7.68 -3.15
CA MET B 100 -0.79 8.95 -3.10
C MET B 100 0.31 9.02 -4.15
N ARG B 101 0.83 7.88 -4.60
CA ARG B 101 1.85 7.94 -5.64
C ARG B 101 1.34 8.56 -6.92
N THR B 102 0.10 8.22 -7.26
CA THR B 102 -0.47 8.68 -8.52
C THR B 102 -1.09 10.07 -8.38
N HIS B 103 -1.30 10.52 -7.16
CA HIS B 103 -2.05 11.76 -6.93
C HIS B 103 -1.36 12.87 -6.16
N ARG B 104 -0.25 12.58 -5.48
CA ARG B 104 0.28 13.60 -4.57
C ARG B 104 0.76 14.87 -5.29
N VAL B 105 1.23 14.73 -6.52
CA VAL B 105 1.65 15.91 -7.27
C VAL B 105 0.45 16.82 -7.53
N MET B 106 -0.60 16.26 -8.12
CA MET B 106 -1.82 17.02 -8.34
C MET B 106 -2.34 17.65 -7.05
N LEU B 107 -2.35 16.86 -5.98
CA LEU B 107 -2.81 17.36 -4.69
C LEU B 107 -1.94 18.51 -4.17
N SER B 108 -0.64 18.46 -4.40
CA SER B 108 0.25 19.54 -3.97
C SER B 108 -0.10 20.84 -4.68
N HIS B 109 -0.54 20.75 -5.94
CA HIS B 109 -0.93 21.95 -6.66
C HIS B 109 -2.24 22.50 -6.12
N ILE B 110 -3.17 21.62 -5.77
CA ILE B 110 -4.41 22.07 -5.15
C ILE B 110 -4.16 22.70 -3.78
N ALA B 111 -3.30 22.07 -2.98
CA ALA B 111 -2.98 22.61 -1.67
C ALA B 111 -2.43 24.02 -1.80
N ARG B 112 -1.50 24.22 -2.74
CA ARG B 112 -0.88 25.52 -2.91
C ARG B 112 -1.91 26.56 -3.36
N ALA B 113 -2.77 26.15 -4.29
CA ALA B 113 -3.79 27.06 -4.81
C ALA B 113 -4.79 27.48 -3.74
N ALA B 114 -5.12 26.55 -2.86
CA ALA B 114 -6.12 26.78 -1.82
C ALA B 114 -5.53 27.39 -0.56
N GLY B 115 -4.22 27.23 -0.38
CA GLY B 115 -3.55 27.72 0.81
C GLY B 115 -3.88 26.88 2.03
N CYS B 116 -4.17 25.60 1.81
CA CYS B 116 -4.61 24.71 2.89
C CYS B 116 -3.74 23.46 2.93
N ARG B 117 -3.95 22.64 3.95
CA ARG B 117 -3.35 21.32 3.98
C ARG B 117 -4.24 20.31 3.27
N VAL B 118 -3.63 19.39 2.53
CA VAL B 118 -4.37 18.25 2.03
C VAL B 118 -4.09 17.05 2.91
N LEU B 119 -5.13 16.33 3.30
CA LEU B 119 -4.95 15.02 3.91
C LEU B 119 -5.39 13.95 2.91
N GLY B 120 -4.45 13.26 2.29
CA GLY B 120 -4.76 12.27 1.28
C GLY B 120 -4.85 10.87 1.87
N LEU B 121 -5.95 10.15 1.60
CA LEU B 121 -6.14 8.81 2.16
C LEU B 121 -5.73 7.69 1.22
N ASP B 122 -4.85 6.81 1.68
CA ASP B 122 -4.60 5.57 0.96
C ASP B 122 -5.59 4.52 1.46
N TYR B 123 -6.85 4.71 1.08
CA TYR B 123 -7.94 3.90 1.58
C TYR B 123 -7.85 2.49 1.01
N ARG B 124 -8.58 1.56 1.63
CA ARG B 124 -8.53 0.16 1.23
C ARG B 124 -9.08 -0.04 -0.17
N LEU B 125 -8.35 -0.82 -0.96
CA LEU B 125 -8.72 -1.10 -2.36
C LEU B 125 -9.22 -2.53 -2.57
N ALA B 126 -10.08 -2.67 -3.58
CA ALA B 126 -10.48 -3.98 -4.08
C ALA B 126 -9.37 -4.47 -5.02
N PRO B 127 -9.28 -5.79 -5.23
CA PRO B 127 -10.21 -6.79 -4.72
C PRO B 127 -9.89 -7.29 -3.31
N GLU B 128 -8.81 -6.80 -2.72
CA GLU B 128 -8.36 -7.35 -1.45
C GLU B 128 -9.44 -7.31 -0.37
N THR B 129 -10.13 -6.16 -0.17
CA THR B 129 -11.41 -5.56 0.51
CA THR B 129 -11.27 -5.66 0.42
C THR B 129 -12.43 -4.78 -0.48
N PRO B 130 -13.63 -5.36 -0.40
CA PRO B 130 -14.65 -4.77 -1.28
C PRO B 130 -15.33 -3.55 -0.65
N PHE B 131 -16.13 -2.89 -1.47
CA PHE B 131 -17.19 -2.02 -1.00
C PHE B 131 -17.84 -2.69 0.21
N PRO B 132 -18.15 -1.93 1.28
CA PRO B 132 -17.99 -0.47 1.41
C PRO B 132 -16.74 -0.01 2.15
N ALA B 133 -15.63 -0.75 2.04
CA ALA B 133 -14.42 -0.38 2.77
C ALA B 133 -14.01 1.09 2.65
N PRO B 134 -14.02 1.64 1.41
CA PRO B 134 -13.54 3.02 1.30
C PRO B 134 -14.47 4.04 1.98
N VAL B 135 -15.76 3.72 2.06
CA VAL B 135 -16.68 4.60 2.76
C VAL B 135 -16.34 4.56 4.25
N GLU B 136 -16.09 3.37 4.76
CA GLU B 136 -15.71 3.22 6.17
C GLU B 136 -14.43 3.99 6.46
N ASP B 137 -13.45 3.89 5.57
CA ASP B 137 -12.19 4.59 5.75
C ASP B 137 -12.37 6.10 5.74
N THR B 138 -13.22 6.61 4.85
CA THR B 138 -13.41 8.05 4.80
C THR B 138 -14.09 8.58 6.06
N VAL B 139 -15.09 7.85 6.55
CA VAL B 139 -15.74 8.19 7.82
C VAL B 139 -14.73 8.15 8.98
N ALA B 140 -13.89 7.10 9.02
CA ALA B 140 -12.87 6.99 10.07
C ALA B 140 -11.94 8.20 10.04
N ALA B 141 -11.51 8.58 8.84
CA ALA B 141 -10.58 9.68 8.69
C ALA B 141 -11.20 11.00 9.12
N TYR B 142 -12.46 11.20 8.75
CA TYR B 142 -13.14 12.42 9.12
C TYR B 142 -13.35 12.49 10.63
N ARG B 143 -13.77 11.38 11.22
CA ARG B 143 -13.88 11.31 12.68
C ARG B 143 -12.56 11.65 13.36
N TRP B 144 -11.45 11.18 12.79
CA TRP B 144 -10.13 11.50 13.34
C TRP B 144 -9.89 12.99 13.35
N LEU B 145 -10.22 13.65 12.25
CA LEU B 145 -10.05 15.09 12.17
C LEU B 145 -10.86 15.79 13.27
N LEU B 146 -12.10 15.36 13.45
CA LEU B 146 -12.94 15.99 14.47
C LEU B 146 -12.37 15.75 15.86
N ALA B 147 -11.89 14.53 16.09
CA ALA B 147 -11.39 14.15 17.42
C ALA B 147 -10.11 14.92 17.74
N HIS B 148 -9.41 15.38 16.71
CA HIS B 148 -8.16 16.11 16.90
C HIS B 148 -8.30 17.63 16.81
N GLY B 149 -9.54 18.11 16.90
CA GLY B 149 -9.79 19.53 17.05
C GLY B 149 -10.00 20.32 15.77
N TYR B 150 -10.03 19.65 14.63
CA TYR B 150 -10.32 20.34 13.38
C TYR B 150 -11.81 20.66 13.32
N ASP B 151 -12.11 21.82 12.77
CA ASP B 151 -13.46 22.37 12.73
C ASP B 151 -14.17 21.94 11.46
N PRO B 152 -15.38 21.41 11.56
CA PRO B 152 -16.08 20.96 10.35
C PRO B 152 -16.16 22.07 9.29
N SER B 153 -16.28 23.32 9.73
CA SER B 153 -16.41 24.43 8.80
C SER B 153 -15.10 24.78 8.09
N ARG B 154 -14.01 24.13 8.49
CA ARG B 154 -12.70 24.33 7.88
C ARG B 154 -12.23 23.07 7.16
N ILE B 155 -13.10 22.09 7.05
CA ILE B 155 -12.78 20.86 6.33
C ILE B 155 -13.65 20.73 5.09
N ALA B 156 -13.05 20.32 3.99
CA ALA B 156 -13.78 19.95 2.80
C ALA B 156 -13.32 18.59 2.32
N LEU B 157 -14.24 17.82 1.75
CA LEU B 157 -13.89 16.56 1.13
C LEU B 157 -13.73 16.74 -0.37
N GLY B 158 -12.72 16.10 -0.94
CA GLY B 158 -12.55 16.14 -2.38
C GLY B 158 -12.13 14.81 -2.96
N GLY B 159 -12.37 14.60 -4.24
CA GLY B 159 -11.96 13.36 -4.86
C GLY B 159 -12.17 13.38 -6.36
N ASP B 160 -11.48 12.47 -7.05
CA ASP B 160 -11.59 12.34 -8.51
C ASP B 160 -12.06 10.93 -8.90
N SER B 161 -12.88 10.86 -9.95
CA SER B 161 -13.28 9.56 -10.48
C SER B 161 -13.97 8.72 -9.39
N ALA B 162 -13.49 7.51 -9.14
CA ALA B 162 -14.03 6.71 -8.04
C ALA B 162 -14.10 7.55 -6.77
N GLY B 163 -13.03 8.28 -6.48
CA GLY B 163 -12.96 9.14 -5.30
C GLY B 163 -13.99 10.26 -5.30
N GLY B 164 -14.36 10.72 -6.49
CA GLY B 164 -15.38 11.74 -6.63
C GLY B 164 -16.74 11.20 -6.21
N GLY B 165 -17.01 9.94 -6.56
CA GLY B 165 -18.22 9.29 -6.11
C GLY B 165 -18.16 9.04 -4.61
N LEU B 166 -16.97 8.66 -4.14
CA LEU B 166 -16.77 8.41 -2.72
C LEU B 166 -17.03 9.64 -1.86
N VAL B 167 -16.70 10.84 -2.36
CA VAL B 167 -17.02 12.05 -1.64
C VAL B 167 -18.51 12.11 -1.33
N VAL B 168 -19.32 11.84 -2.34
CA VAL B 168 -20.77 11.95 -2.17
C VAL B 168 -21.26 10.87 -1.20
N ALA B 169 -20.83 9.63 -1.41
CA ALA B 169 -21.21 8.52 -0.55
C ALA B 169 -20.80 8.78 0.89
N ALA B 170 -19.59 9.31 1.08
CA ALA B 170 -19.11 9.60 2.43
C ALA B 170 -19.91 10.70 3.11
N LEU B 171 -20.27 11.74 2.37
CA LEU B 171 -21.07 12.81 2.96
C LEU B 171 -22.43 12.28 3.39
N VAL B 172 -23.04 11.46 2.54
CA VAL B 172 -24.32 10.85 2.86
C VAL B 172 -24.17 9.98 4.09
N ALA B 173 -23.11 9.16 4.13
CA ALA B 173 -22.91 8.27 5.28
C ALA B 173 -22.76 9.07 6.56
N LEU B 174 -22.00 10.15 6.49
CA LEU B 174 -21.75 11.00 7.65
C LEU B 174 -23.05 11.58 8.18
N ARG B 175 -23.91 12.03 7.27
CA ARG B 175 -25.20 12.55 7.69
C ARG B 175 -26.02 11.45 8.33
N TYR B 176 -26.01 10.28 7.71
CA TYR B 176 -26.82 9.15 8.18
C TYR B 176 -26.43 8.68 9.59
N ILE B 177 -25.15 8.84 9.94
CA ILE B 177 -24.70 8.48 11.30
C ILE B 177 -24.52 9.70 12.22
N GLY B 178 -25.06 10.84 11.79
CA GLY B 178 -25.19 11.98 12.67
C GLY B 178 -23.93 12.80 12.95
N GLU B 179 -22.91 12.64 12.13
CA GLU B 179 -21.68 13.43 12.28
C GLU B 179 -21.91 14.84 11.73
N PRO B 180 -21.27 15.83 12.34
CA PRO B 180 -21.41 17.19 11.80
C PRO B 180 -20.78 17.24 10.42
N LEU B 181 -21.50 17.74 9.43
CA LEU B 181 -21.00 17.70 8.05
C LEU B 181 -19.95 18.77 7.80
N PRO B 182 -19.03 18.51 6.87
CA PRO B 182 -17.98 19.47 6.54
C PRO B 182 -18.53 20.60 5.69
N ALA B 183 -17.67 21.56 5.39
CA ALA B 183 -18.10 22.80 4.75
C ALA B 183 -18.44 22.65 3.28
N ALA B 184 -17.87 21.63 2.62
CA ALA B 184 -18.01 21.52 1.17
C ALA B 184 -17.48 20.20 0.63
N GLY B 185 -17.87 19.90 -0.60
CA GLY B 185 -17.37 18.74 -1.33
C GLY B 185 -16.87 19.16 -2.70
N VAL B 186 -15.81 18.50 -3.17
CA VAL B 186 -15.28 18.75 -4.50
C VAL B 186 -15.20 17.43 -5.25
N CYS B 187 -15.82 17.37 -6.42
CA CYS B 187 -15.89 16.15 -7.19
C CYS B 187 -15.32 16.36 -8.59
N LEU B 188 -14.21 15.68 -8.87
CA LEU B 188 -13.53 15.81 -10.16
C LEU B 188 -13.81 14.58 -11.02
N SER B 189 -14.59 14.77 -12.10
CA SER B 189 -15.01 13.67 -12.96
C SER B 189 -15.57 12.51 -12.14
N PRO B 190 -16.55 12.78 -11.27
CA PRO B 190 -17.00 11.74 -10.33
C PRO B 190 -17.64 10.53 -11.02
N TRP B 191 -17.40 9.35 -10.46
CA TRP B 191 -18.05 8.11 -10.90
C TRP B 191 -19.09 7.76 -9.87
N ILE B 192 -20.37 7.87 -10.24
CA ILE B 192 -21.46 7.70 -9.28
C ILE B 192 -22.42 6.56 -9.59
N ASP B 193 -22.06 5.75 -10.58
CA ASP B 193 -22.95 4.73 -11.11
C ASP B 193 -22.17 3.49 -11.56
N MET B 194 -22.19 2.44 -10.74
CA MET B 194 -21.45 1.22 -11.01
C MET B 194 -21.81 0.56 -12.34
N GLU B 195 -23.02 0.81 -12.84
CA GLU B 195 -23.48 0.11 -14.02
C GLU B 195 -23.24 0.89 -15.32
N ALA B 196 -22.69 2.10 -15.21
CA ALA B 196 -22.30 2.89 -16.37
C ALA B 196 -23.47 3.10 -17.34
N THR B 197 -24.59 3.53 -16.78
CA THR B 197 -25.82 3.70 -17.56
C THR B 197 -25.94 5.10 -18.17
N GLY B 198 -25.01 5.99 -17.85
CA GLY B 198 -25.06 7.35 -18.35
C GLY B 198 -25.07 7.37 -19.87
N GLU B 199 -25.90 8.24 -20.45
CA GLU B 199 -26.02 8.30 -21.90
C GLU B 199 -24.70 8.63 -22.56
N SER B 200 -23.87 9.43 -21.90
CA SER B 200 -22.57 9.81 -22.45
C SER B 200 -21.60 8.64 -22.65
N PHE B 201 -21.88 7.49 -22.02
CA PHE B 201 -21.07 6.31 -22.28
C PHE B 201 -21.27 5.84 -23.71
N THR B 202 -22.38 6.26 -24.30
CA THR B 202 -22.69 5.97 -25.69
C THR B 202 -22.26 7.15 -26.57
N THR B 203 -22.71 8.34 -26.22
CA THR B 203 -22.51 9.50 -27.09
C THR B 203 -21.09 10.03 -27.11
N ASN B 204 -20.34 9.81 -26.03
CA ASN B 204 -18.93 10.22 -26.00
C ASN B 204 -17.97 9.05 -26.17
N ALA B 205 -18.48 7.90 -26.58
CA ALA B 205 -17.68 6.68 -26.63
C ALA B 205 -16.36 6.83 -27.39
N THR B 206 -16.40 7.42 -28.58
CA THR B 206 -15.18 7.56 -29.36
C THR B 206 -14.50 8.90 -29.11
N MET B 207 -15.11 9.75 -28.30
CA MET B 207 -14.52 11.03 -27.95
C MET B 207 -13.57 10.86 -26.75
N ASP B 208 -13.91 9.92 -25.87
CA ASP B 208 -13.17 9.71 -24.62
C ASP B 208 -11.99 8.76 -24.83
N PRO B 209 -10.77 9.27 -24.67
CA PRO B 209 -9.55 8.51 -24.98
C PRO B 209 -9.18 7.43 -23.96
N SER B 210 -9.87 7.37 -22.81
CA SER B 210 -9.41 6.46 -21.76
C SER B 210 -10.50 5.66 -21.02
N VAL B 211 -11.65 6.29 -20.79
CA VAL B 211 -12.71 5.65 -20.00
C VAL B 211 -13.78 5.11 -20.93
N ASN B 212 -14.07 3.82 -20.81
CA ASN B 212 -15.16 3.22 -21.56
C ASN B 212 -16.06 2.37 -20.69
N LYS B 213 -17.26 2.10 -21.16
CA LYS B 213 -18.23 1.35 -20.37
C LYS B 213 -17.72 -0.02 -19.94
N GLU B 214 -17.15 -0.78 -20.86
CA GLU B 214 -16.69 -2.12 -20.54
C GLU B 214 -15.69 -2.14 -19.39
N ARG B 215 -14.69 -1.28 -19.47
CA ARG B 215 -13.67 -1.19 -18.43
C ARG B 215 -14.28 -0.72 -17.10
N VAL B 216 -15.17 0.25 -17.19
CA VAL B 216 -15.80 0.76 -16.00
C VAL B 216 -16.57 -0.35 -15.29
N MET B 217 -17.27 -1.19 -16.05
CA MET B 217 -18.06 -2.25 -15.44
C MET B 217 -17.16 -3.33 -14.82
N TRP B 218 -15.98 -3.49 -15.38
CA TRP B 218 -14.99 -4.41 -14.84
C TRP B 218 -14.55 -3.95 -13.49
N PHE B 219 -14.16 -2.69 -13.38
CA PHE B 219 -13.78 -2.13 -12.08
C PHE B 219 -14.91 -2.25 -11.07
N ALA B 220 -16.14 -1.97 -11.51
CA ALA B 220 -17.30 -2.10 -10.63
C ALA B 220 -17.43 -3.51 -10.08
N ALA B 221 -17.28 -4.51 -10.94
CA ALA B 221 -17.42 -5.87 -10.50
C ALA B 221 -16.42 -6.23 -9.41
N LEU B 222 -15.19 -5.74 -9.55
CA LEU B 222 -14.15 -6.00 -8.57
C LEU B 222 -14.46 -5.28 -7.26
N TYR B 223 -14.90 -4.05 -7.36
CA TYR B 223 -15.22 -3.27 -6.17
C TYR B 223 -16.34 -3.91 -5.37
N LEU B 224 -17.39 -4.32 -6.06
CA LEU B 224 -18.61 -4.72 -5.38
C LEU B 224 -18.51 -6.07 -4.66
N GLY B 225 -17.60 -6.93 -5.11
CA GLY B 225 -17.43 -8.23 -4.50
C GLY B 225 -18.76 -8.97 -4.36
N GLY B 226 -19.61 -8.87 -5.37
CA GLY B 226 -20.87 -9.58 -5.38
C GLY B 226 -22.05 -8.82 -4.82
N LYS B 227 -21.82 -7.61 -4.32
CA LYS B 227 -22.89 -6.83 -3.70
C LYS B 227 -23.68 -6.07 -4.76
N ASN B 228 -24.82 -5.54 -4.35
CA ASN B 228 -25.77 -4.95 -5.30
C ASN B 228 -25.18 -3.71 -5.98
N PRO B 229 -25.10 -3.71 -7.32
CA PRO B 229 -24.42 -2.57 -7.94
C PRO B 229 -25.20 -1.27 -7.87
N GLN B 230 -26.47 -1.31 -7.46
CA GLN B 230 -27.24 -0.10 -7.27
C GLN B 230 -27.25 0.37 -5.82
N ALA B 231 -26.44 -0.26 -4.98
CA ALA B 231 -26.32 0.18 -3.58
C ALA B 231 -26.00 1.67 -3.53
N PRO B 232 -26.80 2.46 -2.82
CA PRO B 232 -26.57 3.93 -2.78
C PRO B 232 -25.16 4.38 -2.39
N LEU B 233 -24.47 3.67 -1.50
CA LEU B 233 -23.11 4.09 -1.14
C LEU B 233 -22.02 3.68 -2.15
N ALA B 234 -22.36 2.78 -3.08
CA ALA B 234 -21.46 2.45 -4.19
C ALA B 234 -21.85 3.30 -5.40
N SER B 235 -23.15 3.46 -5.61
CA SER B 235 -23.66 4.23 -6.74
C SER B 235 -24.53 5.35 -6.19
N PRO B 236 -23.93 6.47 -5.77
CA PRO B 236 -24.69 7.54 -5.12
C PRO B 236 -25.70 8.22 -6.06
N LEU B 237 -25.70 7.80 -7.32
CA LEU B 237 -26.80 8.10 -8.24
C LEU B 237 -28.13 7.78 -7.55
N TYR B 238 -28.11 6.76 -6.69
CA TYR B 238 -29.30 6.32 -5.96
C TYR B 238 -29.37 6.74 -4.48
N ALA B 239 -28.43 7.59 -4.06
CA ALA B 239 -28.38 8.01 -2.66
C ALA B 239 -29.23 9.23 -2.35
N ASP B 240 -29.72 9.29 -1.12
CA ASP B 240 -30.37 10.46 -0.55
C ASP B 240 -29.33 11.57 -0.39
N LEU B 241 -29.49 12.66 -1.13
CA LEU B 241 -28.51 13.75 -1.11
C LEU B 241 -28.94 14.93 -0.25
N GLN B 242 -30.06 14.82 0.44
CA GLN B 242 -30.50 15.95 1.24
C GLN B 242 -29.46 16.31 2.29
N GLY B 243 -29.38 17.59 2.58
CA GLY B 243 -28.52 18.09 3.63
C GLY B 243 -27.04 18.20 3.32
N LEU B 244 -26.61 17.83 2.11
CA LEU B 244 -25.19 17.96 1.81
C LEU B 244 -24.74 19.40 1.70
N PRO B 245 -23.48 19.65 2.00
CA PRO B 245 -22.88 20.98 1.86
C PRO B 245 -22.63 21.31 0.40
N PRO B 246 -22.26 22.54 0.12
CA PRO B 246 -22.02 22.96 -1.26
C PRO B 246 -21.04 22.06 -1.99
N LEU B 247 -21.35 21.76 -3.24
CA LEU B 247 -20.49 20.95 -4.09
C LEU B 247 -19.94 21.74 -5.27
N LEU B 248 -18.68 21.46 -5.59
CA LEU B 248 -18.11 21.87 -6.86
C LEU B 248 -17.86 20.58 -7.65
N VAL B 249 -18.41 20.53 -8.86
CA VAL B 249 -18.23 19.37 -9.71
C VAL B 249 -17.60 19.82 -11.01
N GLN B 250 -16.47 19.26 -11.34
CA GLN B 250 -15.80 19.56 -12.61
C GLN B 250 -15.79 18.31 -13.47
N VAL B 251 -15.94 18.47 -14.79
CA VAL B 251 -15.95 17.32 -15.66
C VAL B 251 -15.65 17.79 -17.08
N GLY B 252 -15.09 16.91 -17.90
CA GLY B 252 -14.73 17.25 -19.28
C GLY B 252 -15.88 16.96 -20.23
N GLY B 253 -16.07 17.85 -21.20
CA GLY B 253 -17.20 17.76 -22.11
C GLY B 253 -17.21 16.53 -22.99
N ILE B 254 -16.04 15.92 -23.17
CA ILE B 254 -15.91 14.72 -24.00
C ILE B 254 -15.85 13.40 -23.21
N GLU B 255 -16.08 13.49 -21.89
CA GLU B 255 -15.99 12.33 -21.03
C GLU B 255 -17.20 11.40 -21.12
N THR B 256 -16.95 10.11 -21.16
CA THR B 256 -18.05 9.16 -21.01
C THR B 256 -18.70 9.31 -19.65
N LEU B 257 -17.95 9.80 -18.66
CA LEU B 257 -18.52 10.07 -17.33
C LEU B 257 -19.22 11.43 -17.22
N LEU B 258 -19.41 12.11 -18.36
CA LEU B 258 -20.07 13.42 -18.31
C LEU B 258 -21.44 13.36 -17.65
N ASP B 259 -22.23 12.35 -17.98
CA ASP B 259 -23.57 12.27 -17.43
C ASP B 259 -23.61 11.83 -15.96
N ASP B 260 -22.54 11.18 -15.49
CA ASP B 260 -22.41 10.96 -14.05
C ASP B 260 -22.32 12.30 -13.34
N ALA B 261 -21.52 13.22 -13.88
CA ALA B 261 -21.39 14.52 -13.25
C ALA B 261 -22.69 15.32 -13.36
N ARG B 262 -23.35 15.28 -14.50
CA ARG B 262 -24.61 16.01 -14.59
C ARG B 262 -25.73 15.42 -13.75
N ALA B 263 -25.81 14.10 -13.68
CA ALA B 263 -26.80 13.45 -12.82
C ALA B 263 -26.58 13.84 -11.35
N LEU B 264 -25.32 13.84 -10.92
CA LEU B 264 -25.00 14.26 -9.56
C LEU B 264 -25.49 15.67 -9.27
N THR B 265 -25.21 16.59 -10.20
CA THR B 265 -25.58 17.97 -10.02
C THR B 265 -27.11 18.14 -10.00
N THR B 266 -27.77 17.45 -10.93
CA THR B 266 -29.22 17.54 -11.04
C THR B 266 -29.89 17.00 -9.77
N ARG B 267 -29.44 15.84 -9.31
CA ARG B 267 -30.03 15.24 -8.11
C ARG B 267 -29.73 16.07 -6.86
N ALA B 268 -28.52 16.60 -6.76
CA ALA B 268 -28.14 17.43 -5.64
C ALA B 268 -29.01 18.69 -5.58
N LYS B 269 -29.13 19.38 -6.70
CA LYS B 269 -29.96 20.58 -6.75
C LYS B 269 -31.41 20.25 -6.34
N ALA B 270 -31.90 19.12 -6.81
CA ALA B 270 -33.27 18.72 -6.49
C ALA B 270 -33.46 18.43 -5.01
N ALA B 271 -32.35 18.10 -4.33
CA ALA B 271 -32.37 17.80 -2.91
C ALA B 271 -32.03 19.03 -2.06
N GLY B 272 -31.91 20.19 -2.71
CA GLY B 272 -31.67 21.43 -2.01
C GLY B 272 -30.22 21.78 -1.77
N VAL B 273 -29.33 21.00 -2.38
CA VAL B 273 -27.88 21.21 -2.24
C VAL B 273 -27.40 22.30 -3.20
N ASP B 274 -26.50 23.15 -2.73
CA ASP B 274 -25.85 24.14 -3.57
C ASP B 274 -24.75 23.46 -4.38
N ALA B 275 -25.04 23.12 -5.64
CA ALA B 275 -24.10 22.36 -6.46
C ALA B 275 -23.76 23.10 -7.74
N ASP B 276 -22.47 23.37 -7.92
CA ASP B 276 -21.98 24.12 -9.06
C ASP B 276 -21.27 23.19 -10.03
N LEU B 277 -21.85 23.02 -11.21
CA LEU B 277 -21.29 22.16 -12.23
C LEU B 277 -20.49 22.98 -13.24
N GLU B 278 -19.28 22.53 -13.51
CA GLU B 278 -18.42 23.13 -14.53
C GLU B 278 -18.07 22.07 -15.57
N VAL B 279 -18.54 22.27 -16.80
CA VAL B 279 -18.18 21.37 -17.86
C VAL B 279 -17.08 22.03 -18.68
N TRP B 280 -15.91 21.40 -18.70
CA TRP B 280 -14.75 21.96 -19.41
C TRP B 280 -14.66 21.35 -20.81
N ASP B 281 -14.94 22.18 -21.81
CA ASP B 281 -14.94 21.72 -23.19
C ASP B 281 -13.64 21.01 -23.56
N ASP B 282 -13.76 19.88 -24.23
CA ASP B 282 -12.62 19.17 -24.82
C ASP B 282 -11.65 18.50 -23.85
N MET B 283 -11.93 18.57 -22.55
CA MET B 283 -11.02 18.01 -21.54
C MET B 283 -11.26 16.52 -21.28
N PRO B 284 -10.17 15.73 -21.19
CA PRO B 284 -10.27 14.30 -20.90
C PRO B 284 -10.45 14.03 -19.41
N HIS B 285 -10.69 12.77 -19.06
CA HIS B 285 -10.92 12.36 -17.67
C HIS B 285 -9.83 12.88 -16.72
N VAL B 286 -10.25 13.62 -15.68
CA VAL B 286 -9.34 14.15 -14.66
C VAL B 286 -8.10 14.80 -15.28
N TRP B 287 -8.36 15.71 -16.22
CA TRP B 287 -7.31 16.42 -16.95
C TRP B 287 -6.45 17.26 -16.02
N GLN B 288 -6.89 17.44 -14.78
CA GLN B 288 -6.12 18.20 -13.81
C GLN B 288 -4.79 17.53 -13.51
N HIS B 289 -4.69 16.23 -13.80
CA HIS B 289 -3.41 15.54 -13.70
C HIS B 289 -2.35 16.18 -14.61
N PHE B 290 -2.79 16.83 -15.68
CA PHE B 290 -1.87 17.38 -16.67
C PHE B 290 -1.54 18.86 -16.45
N ALA B 291 -1.98 19.41 -15.33
CA ALA B 291 -1.79 20.81 -15.05
C ALA B 291 -0.41 21.34 -15.39
N PRO B 292 0.63 20.60 -15.01
CA PRO B 292 2.00 21.07 -15.28
C PRO B 292 2.26 21.36 -16.75
N ILE B 293 1.50 20.72 -17.64
CA ILE B 293 1.71 20.90 -19.07
C ILE B 293 0.42 21.22 -19.82
N LEU B 294 -0.62 21.63 -19.09
CA LEU B 294 -1.91 21.90 -19.71
C LEU B 294 -2.59 23.10 -19.06
N PRO B 295 -2.73 24.21 -19.81
CA PRO B 295 -3.33 25.43 -19.27
C PRO B 295 -4.67 25.15 -18.57
N GLU B 296 -5.52 24.35 -19.21
CA GLU B 296 -6.83 24.03 -18.64
C GLU B 296 -6.72 23.29 -17.31
N GLY B 297 -5.62 22.55 -17.14
CA GLY B 297 -5.37 21.84 -15.89
C GLY B 297 -5.06 22.85 -14.80
N LYS B 298 -4.19 23.80 -15.11
CA LYS B 298 -3.84 24.86 -14.16
C LYS B 298 -5.06 25.68 -13.80
N GLN B 299 -5.86 26.02 -14.80
CA GLN B 299 -7.03 26.86 -14.59
C GLN B 299 -8.06 26.14 -13.71
N ALA B 300 -8.25 24.86 -13.96
CA ALA B 300 -9.23 24.10 -13.19
C ALA B 300 -8.79 24.01 -11.72
N ILE B 301 -7.49 23.82 -11.51
CA ILE B 301 -6.96 23.75 -10.15
C ILE B 301 -7.10 25.12 -9.44
N ALA B 302 -6.89 26.19 -10.19
CA ALA B 302 -7.04 27.52 -9.62
C ALA B 302 -8.49 27.72 -9.15
N ARG B 303 -9.44 27.21 -9.91
CA ARG B 303 -10.84 27.30 -9.53
C ARG B 303 -11.18 26.46 -8.29
N ILE B 304 -10.63 25.27 -8.19
CA ILE B 304 -10.76 24.50 -6.96
C ILE B 304 -10.22 25.31 -5.79
N GLY B 305 -9.05 25.91 -5.97
CA GLY B 305 -8.46 26.76 -4.94
C GLY B 305 -9.37 27.89 -4.50
N GLU B 306 -10.01 28.54 -5.46
CA GLU B 306 -10.90 29.65 -5.15
C GLU B 306 -12.13 29.15 -4.41
N PHE B 307 -12.65 28.02 -4.84
CA PHE B 307 -13.82 27.42 -4.20
C PHE B 307 -13.50 27.05 -2.76
N LEU B 308 -12.35 26.42 -2.54
CA LEU B 308 -11.96 26.06 -1.18
C LEU B 308 -11.75 27.30 -0.31
N ARG B 309 -11.09 28.32 -0.85
CA ARG B 309 -10.85 29.53 -0.07
C ARG B 309 -12.16 30.16 0.36
N LYS B 310 -13.17 30.04 -0.49
CA LYS B 310 -14.49 30.57 -0.18
C LYS B 310 -15.19 29.75 0.91
N GLN B 311 -15.06 28.43 0.85
CA GLN B 311 -15.82 27.54 1.72
C GLN B 311 -15.15 27.26 3.06
N ILE B 312 -13.83 27.11 3.06
CA ILE B 312 -13.11 26.79 4.29
C ILE B 312 -12.13 27.85 4.75
N GLY B 313 -11.91 28.87 3.93
CA GLY B 313 -10.90 29.86 4.21
C GLY B 313 -11.39 31.09 4.93
#